data_1C1J
#
_entry.id   1C1J
#
_cell.length_a   100.180
_cell.length_b   54.010
_cell.length_c   108.490
_cell.angle_alpha   90.00
_cell.angle_beta   111.59
_cell.angle_gamma   90.00
#
_symmetry.space_group_name_H-M   'C 1 2 1'
#
loop_
_entity.id
_entity.type
_entity.pdbx_description
1 polymer 'BASIC PHOSPHOLIPASE A2'
2 non-polymer 'octyl beta-D-glucopyranoside'
3 non-polymer 'CADMIUM ION'
4 water water
#
_entity_poly.entity_id   1
_entity_poly.type   'polypeptide(L)'
_entity_poly.pdbx_seq_one_letter_code
;HLLQFRKMIKKMTGKEPVVSYAFYGCYCGSGGRGKPKNATDRCCFVHDCCYEKVTGCDPKWDDYTYSWKNGTIVCGGDDP
CKKEVCECDKAAAICFRDNLKTYKKRYMAYPDILCSSKSEKC
;
_entity_poly.pdbx_strand_id   A,B,C,D
#
loop_
_chem_comp.id
_chem_comp.type
_chem_comp.name
_chem_comp.formula
BOG D-saccharide 'octyl beta-D-glucopyranoside' 'C14 H28 O6'
CD non-polymer 'CADMIUM ION' 'Cd 2'
#
# COMPACT_ATOMS: atom_id res chain seq x y z
N HIS A 1 4.70 6.78 -21.75
CA HIS A 1 4.92 7.13 -20.32
C HIS A 1 3.62 7.06 -19.53
N LEU A 2 3.73 6.75 -18.24
CA LEU A 2 2.56 6.63 -17.39
C LEU A 2 1.83 7.95 -17.14
N LEU A 3 2.57 9.06 -17.28
CA LEU A 3 2.02 10.40 -17.07
C LEU A 3 1.15 10.84 -18.23
N GLN A 4 1.35 10.21 -19.37
CA GLN A 4 0.59 10.48 -20.59
C GLN A 4 -0.66 9.61 -20.47
N PHE A 5 -0.48 8.38 -19.99
CA PHE A 5 -1.59 7.48 -19.80
C PHE A 5 -2.55 8.16 -18.83
N ARG A 6 -1.98 8.80 -17.81
CA ARG A 6 -2.74 9.51 -16.79
C ARG A 6 -3.64 10.62 -17.35
N LYS A 7 -3.13 11.35 -18.33
CA LYS A 7 -3.89 12.43 -18.97
C LYS A 7 -5.01 11.87 -19.85
N MET A 8 -4.73 10.78 -20.54
CA MET A 8 -5.71 10.12 -21.40
C MET A 8 -6.91 9.66 -20.59
N ILE A 9 -6.65 9.15 -19.38
CA ILE A 9 -7.70 8.66 -18.49
C ILE A 9 -8.50 9.81 -17.92
N LYS A 10 -7.80 10.85 -17.45
CA LYS A 10 -8.47 11.99 -16.86
C LYS A 10 -9.43 12.64 -17.86
N LYS A 11 -8.99 12.71 -19.10
CA LYS A 11 -9.76 13.32 -20.18
C LYS A 11 -11.00 12.52 -20.57
N MET A 12 -10.82 11.23 -20.79
CA MET A 12 -11.90 10.37 -21.19
C MET A 12 -12.86 10.02 -20.06
N THR A 13 -12.29 9.87 -18.87
CA THR A 13 -13.05 9.47 -17.71
C THR A 13 -13.54 10.58 -16.79
N GLY A 14 -12.76 11.65 -16.69
CA GLY A 14 -13.14 12.76 -15.85
C GLY A 14 -12.63 12.60 -14.43
N LYS A 15 -12.12 11.41 -14.12
CA LYS A 15 -11.59 11.10 -12.80
C LYS A 15 -10.09 11.29 -12.71
N GLU A 16 -9.62 11.62 -11.51
CA GLU A 16 -8.20 11.80 -11.27
C GLU A 16 -7.67 10.36 -11.17
N PRO A 17 -6.90 9.93 -12.18
CA PRO A 17 -6.33 8.58 -12.21
C PRO A 17 -5.57 8.10 -10.98
N VAL A 18 -4.72 8.96 -10.42
CA VAL A 18 -3.93 8.59 -9.23
C VAL A 18 -4.80 8.18 -8.03
N VAL A 19 -6.04 8.67 -8.00
CA VAL A 19 -6.95 8.36 -6.92
C VAL A 19 -7.88 7.21 -7.29
N SER A 20 -8.63 7.39 -8.38
CA SER A 20 -9.61 6.39 -8.84
C SER A 20 -9.16 5.15 -9.61
N TYR A 21 -7.96 5.15 -10.17
CA TYR A 21 -7.53 4.00 -10.95
C TYR A 21 -6.20 3.37 -10.56
N ALA A 22 -5.26 4.15 -10.04
CA ALA A 22 -3.95 3.64 -9.67
C ALA A 22 -3.95 2.45 -8.74
N PHE A 23 -5.02 2.27 -7.97
CA PHE A 23 -5.11 1.13 -7.01
C PHE A 23 -6.43 0.36 -7.07
N TYR A 24 -7.09 0.37 -8.23
CA TYR A 24 -8.37 -0.29 -8.41
C TYR A 24 -8.25 -1.82 -8.62
N GLY A 25 -9.23 -2.56 -8.12
CA GLY A 25 -9.25 -4.01 -8.29
C GLY A 25 -7.98 -4.77 -8.02
N CYS A 26 -7.64 -5.72 -8.91
CA CYS A 26 -6.47 -6.60 -8.76
C CYS A 26 -5.38 -6.41 -9.81
N TYR A 27 -5.69 -5.70 -10.90
CA TYR A 27 -4.75 -5.49 -11.98
C TYR A 27 -4.31 -4.04 -12.31
N CYS A 28 -5.12 -3.07 -11.90
CA CYS A 28 -4.81 -1.66 -12.18
C CYS A 28 -3.56 -1.21 -11.45
N GLY A 29 -2.69 -0.54 -12.19
CA GLY A 29 -1.42 -0.09 -11.62
C GLY A 29 -0.34 -1.09 -12.02
N SER A 30 0.85 -0.93 -11.46
CA SER A 30 1.97 -1.83 -11.77
C SER A 30 1.85 -3.18 -11.05
N GLY A 31 1.38 -4.19 -11.78
CA GLY A 31 1.22 -5.51 -11.18
C GLY A 31 -0.11 -6.13 -11.54
N GLY A 32 -0.58 -7.03 -10.70
CA GLY A 32 -1.84 -7.69 -10.96
C GLY A 32 -1.78 -9.15 -10.59
N ARG A 33 -2.77 -9.61 -9.83
CA ARG A 33 -2.80 -11.00 -9.39
C ARG A 33 -4.22 -11.52 -9.25
N GLY A 34 -4.41 -12.80 -9.56
CA GLY A 34 -5.72 -13.43 -9.43
C GLY A 34 -6.58 -13.29 -10.66
N LYS A 35 -7.86 -13.03 -10.45
CA LYS A 35 -8.85 -12.87 -11.51
C LYS A 35 -9.39 -11.44 -11.46
N PRO A 36 -9.58 -10.79 -12.63
CA PRO A 36 -10.10 -9.42 -12.64
C PRO A 36 -11.38 -9.29 -11.80
N LYS A 37 -11.40 -8.27 -10.95
CA LYS A 37 -12.53 -8.00 -10.05
C LYS A 37 -13.85 -7.71 -10.76
N ASN A 38 -13.82 -6.76 -11.70
CA ASN A 38 -14.99 -6.38 -12.47
C ASN A 38 -14.61 -5.92 -13.87
N ALA A 39 -15.55 -5.31 -14.56
CA ALA A 39 -15.33 -4.83 -15.92
C ALA A 39 -14.15 -3.85 -16.02
N THR A 40 -14.03 -2.96 -15.05
CA THR A 40 -12.96 -1.99 -15.01
C THR A 40 -11.61 -2.63 -14.68
N ASP A 41 -11.63 -3.65 -13.84
CA ASP A 41 -10.40 -4.36 -13.45
C ASP A 41 -9.86 -5.17 -14.63
N ARG A 42 -10.76 -5.55 -15.52
CA ARG A 42 -10.40 -6.30 -16.71
C ARG A 42 -9.72 -5.38 -17.73
N CYS A 43 -10.09 -4.10 -17.73
CA CYS A 43 -9.49 -3.12 -18.63
C CYS A 43 -8.01 -3.03 -18.29
N CYS A 44 -7.72 -3.12 -17.01
CA CYS A 44 -6.36 -3.09 -16.50
C CYS A 44 -5.65 -4.38 -16.82
N PHE A 45 -6.38 -5.49 -16.73
CA PHE A 45 -5.82 -6.79 -17.03
C PHE A 45 -5.30 -6.79 -18.46
N VAL A 46 -6.14 -6.32 -19.38
CA VAL A 46 -5.78 -6.25 -20.80
C VAL A 46 -4.63 -5.28 -21.04
N HIS A 47 -4.71 -4.12 -20.40
CA HIS A 47 -3.65 -3.11 -20.54
C HIS A 47 -2.32 -3.73 -20.12
N ASP A 48 -2.38 -4.65 -19.17
CA ASP A 48 -1.18 -5.31 -18.68
C ASP A 48 -0.67 -6.32 -19.69
N CYS A 49 -1.59 -7.04 -20.32
CA CYS A 49 -1.21 -8.03 -21.32
C CYS A 49 -0.64 -7.33 -22.55
N CYS A 50 -1.10 -6.10 -22.77
CA CYS A 50 -0.65 -5.27 -23.86
C CYS A 50 0.82 -4.90 -23.66
N TYR A 51 1.12 -4.32 -22.51
CA TYR A 51 2.49 -3.94 -22.20
C TYR A 51 3.45 -5.13 -22.24
N GLU A 52 2.90 -6.33 -22.13
CA GLU A 52 3.70 -7.54 -22.13
C GLU A 52 4.22 -7.87 -23.52
N LYS A 53 3.51 -7.40 -24.54
CA LYS A 53 3.89 -7.62 -25.93
C LYS A 53 4.98 -6.64 -26.39
N VAL A 54 4.94 -5.41 -25.91
CA VAL A 54 5.93 -4.40 -26.29
C VAL A 54 7.32 -4.92 -25.94
N THR A 55 8.16 -5.07 -26.96
CA THR A 55 9.50 -5.61 -26.78
C THR A 55 10.65 -4.59 -26.87
N GLY A 56 10.67 -3.82 -27.95
CA GLY A 56 11.75 -2.87 -28.18
C GLY A 56 11.88 -1.60 -27.35
N CYS A 57 10.93 -1.29 -26.49
CA CYS A 57 11.01 -0.09 -25.70
C CYS A 57 10.38 -0.22 -24.31
N ASP A 58 10.44 0.86 -23.52
CA ASP A 58 9.89 0.87 -22.16
C ASP A 58 8.51 1.53 -22.15
N PRO A 59 7.44 0.71 -22.08
CA PRO A 59 6.07 1.25 -22.06
C PRO A 59 5.75 2.11 -20.85
N LYS A 60 6.52 1.93 -19.79
CA LYS A 60 6.29 2.65 -18.56
C LYS A 60 6.91 4.03 -18.53
N TRP A 61 8.19 4.09 -18.90
CA TRP A 61 8.92 5.34 -18.83
C TRP A 61 9.29 6.00 -20.14
N ASP A 62 8.89 5.38 -21.25
CA ASP A 62 9.21 5.96 -22.57
C ASP A 62 8.10 6.89 -23.03
N ASP A 63 8.47 8.11 -23.37
CA ASP A 63 7.51 9.09 -23.83
C ASP A 63 7.11 8.78 -25.25
N TYR A 64 5.82 8.75 -25.55
CA TYR A 64 5.38 8.52 -26.91
C TYR A 64 4.74 9.81 -27.37
N THR A 65 4.28 9.84 -28.61
CA THR A 65 3.65 11.02 -29.17
C THR A 65 2.25 10.64 -29.61
N TYR A 66 1.29 11.46 -29.22
CA TYR A 66 -0.11 11.23 -29.56
C TYR A 66 -0.79 12.59 -29.60
N SER A 67 -2.02 12.63 -30.07
CA SER A 67 -2.75 13.89 -30.15
C SER A 67 -4.23 13.68 -29.88
N TRP A 68 -4.83 14.66 -29.24
CA TRP A 68 -6.25 14.61 -28.92
C TRP A 68 -7.10 15.10 -30.09
N LYS A 69 -6.60 14.87 -31.30
CA LYS A 69 -7.28 15.29 -32.51
C LYS A 69 -8.69 14.72 -32.65
N ASN A 70 -9.69 15.60 -32.49
CA ASN A 70 -11.11 15.26 -32.61
C ASN A 70 -11.70 14.51 -31.41
N GLY A 71 -11.43 15.01 -30.20
CA GLY A 71 -11.94 14.35 -29.00
C GLY A 71 -11.47 12.90 -28.88
N THR A 72 -10.54 12.50 -29.73
CA THR A 72 -10.02 11.15 -29.72
C THR A 72 -8.51 11.18 -29.67
N ILE A 73 -7.95 10.21 -28.98
CA ILE A 73 -6.51 10.11 -28.88
C ILE A 73 -6.01 9.62 -30.23
N VAL A 74 -4.99 10.28 -30.74
CA VAL A 74 -4.40 9.91 -32.02
C VAL A 74 -2.93 9.59 -31.80
N CYS A 75 -2.60 8.30 -31.77
CA CYS A 75 -1.22 7.88 -31.57
C CYS A 75 -0.41 8.08 -32.83
N GLY A 76 0.75 8.72 -32.70
CA GLY A 76 1.59 8.96 -33.86
C GLY A 76 3.05 8.61 -33.66
N GLY A 77 3.92 9.28 -34.43
CA GLY A 77 5.35 9.03 -34.35
C GLY A 77 5.86 8.04 -35.38
N ASP A 78 7.18 7.99 -35.55
CA ASP A 78 7.78 7.07 -36.51
C ASP A 78 8.21 5.77 -35.86
N ASP A 79 8.19 5.75 -34.53
CA ASP A 79 8.57 4.57 -33.78
C ASP A 79 7.35 3.70 -33.58
N PRO A 80 7.40 2.45 -34.07
CA PRO A 80 6.28 1.52 -33.92
C PRO A 80 6.18 0.93 -32.50
N CYS A 81 7.31 0.80 -31.81
CA CYS A 81 7.29 0.27 -30.46
C CYS A 81 6.55 1.24 -29.57
N LYS A 82 6.90 2.52 -29.70
CA LYS A 82 6.29 3.56 -28.91
C LYS A 82 4.84 3.72 -29.30
N LYS A 83 4.56 3.67 -30.59
CA LYS A 83 3.19 3.79 -31.09
C LYS A 83 2.39 2.62 -30.52
N GLU A 84 3.06 1.48 -30.38
CA GLU A 84 2.44 0.29 -29.82
C GLU A 84 1.98 0.55 -28.40
N VAL A 85 2.89 1.04 -27.56
CA VAL A 85 2.51 1.30 -26.18
C VAL A 85 1.44 2.40 -26.11
N CYS A 86 1.46 3.34 -27.04
CA CYS A 86 0.48 4.40 -27.04
C CYS A 86 -0.89 3.81 -27.31
N GLU A 87 -0.94 2.81 -28.18
CA GLU A 87 -2.20 2.19 -28.52
C GLU A 87 -2.73 1.40 -27.32
N CYS A 88 -1.82 0.91 -26.48
CA CYS A 88 -2.20 0.17 -25.27
C CYS A 88 -2.93 1.15 -24.36
N ASP A 89 -2.27 2.28 -24.09
CA ASP A 89 -2.80 3.33 -23.24
C ASP A 89 -4.13 3.87 -23.74
N LYS A 90 -4.20 4.13 -25.04
CA LYS A 90 -5.40 4.65 -25.68
C LYS A 90 -6.59 3.70 -25.52
N ALA A 91 -6.33 2.41 -25.66
CA ALA A 91 -7.36 1.40 -25.53
C ALA A 91 -7.92 1.27 -24.10
N ALA A 92 -7.03 1.39 -23.11
CA ALA A 92 -7.42 1.29 -21.71
C ALA A 92 -8.30 2.44 -21.28
N ALA A 93 -7.88 3.66 -21.63
CA ALA A 93 -8.63 4.88 -21.29
C ALA A 93 -10.04 4.76 -21.86
N ILE A 94 -10.14 4.29 -23.10
CA ILE A 94 -11.43 4.11 -23.75
C ILE A 94 -12.21 3.07 -22.93
N CYS A 95 -11.54 1.98 -22.58
CA CYS A 95 -12.13 0.90 -21.79
C CYS A 95 -12.70 1.41 -20.47
N PHE A 96 -11.93 2.25 -19.79
CA PHE A 96 -12.37 2.80 -18.52
C PHE A 96 -13.64 3.61 -18.73
N ARG A 97 -13.66 4.38 -19.82
CA ARG A 97 -14.79 5.22 -20.17
C ARG A 97 -16.08 4.45 -20.42
N ASP A 98 -15.97 3.38 -21.20
CA ASP A 98 -17.12 2.53 -21.55
C ASP A 98 -17.70 1.74 -20.37
N ASN A 99 -16.89 1.51 -19.34
CA ASN A 99 -17.34 0.75 -18.17
C ASN A 99 -17.54 1.59 -16.92
N LEU A 100 -17.40 2.90 -17.07
CA LEU A 100 -17.57 3.85 -15.98
C LEU A 100 -18.85 3.60 -15.15
N LYS A 101 -19.88 3.08 -15.82
CA LYS A 101 -21.15 2.82 -15.18
C LYS A 101 -21.13 1.70 -14.16
N THR A 102 -20.19 0.77 -14.30
CA THR A 102 -20.08 -0.34 -13.36
C THR A 102 -18.88 -0.19 -12.42
N TYR A 103 -18.37 1.03 -12.29
CA TYR A 103 -17.23 1.32 -11.43
C TYR A 103 -17.71 1.30 -9.98
N LYS A 104 -17.11 0.43 -9.16
CA LYS A 104 -17.46 0.31 -7.74
C LYS A 104 -16.35 0.94 -6.92
N LYS A 105 -16.73 1.86 -6.03
CA LYS A 105 -15.78 2.57 -5.18
C LYS A 105 -15.11 1.64 -4.17
N ARG A 106 -15.70 0.47 -3.95
CA ARG A 106 -15.15 -0.49 -3.01
C ARG A 106 -13.91 -1.18 -3.54
N TYR A 107 -13.69 -1.09 -4.85
CA TYR A 107 -12.55 -1.75 -5.47
C TYR A 107 -11.33 -0.86 -5.59
N MET A 108 -11.50 0.45 -5.47
CA MET A 108 -10.33 1.32 -5.52
C MET A 108 -9.67 1.00 -4.18
N ALA A 109 -8.35 1.09 -4.11
CA ALA A 109 -7.68 0.76 -2.85
C ALA A 109 -7.99 -0.67 -2.37
N TYR A 110 -8.14 -1.60 -3.32
CA TYR A 110 -8.43 -3.00 -3.02
C TYR A 110 -7.17 -3.75 -2.62
N PRO A 111 -7.23 -4.50 -1.50
CA PRO A 111 -6.13 -5.30 -0.95
C PRO A 111 -5.81 -6.50 -1.83
N ASP A 112 -4.52 -6.68 -2.10
CA ASP A 112 -4.05 -7.78 -2.94
C ASP A 112 -4.16 -9.16 -2.33
N ILE A 113 -4.02 -9.27 -1.02
CA ILE A 113 -4.12 -10.57 -0.38
C ILE A 113 -5.48 -11.18 -0.66
N LEU A 114 -6.44 -10.31 -0.95
CA LEU A 114 -7.80 -10.74 -1.26
C LEU A 114 -7.96 -11.22 -2.69
N CYS A 115 -6.93 -11.04 -3.53
CA CYS A 115 -7.02 -11.46 -4.92
C CYS A 115 -6.76 -12.95 -5.08
N SER A 116 -7.39 -13.53 -6.08
CA SER A 116 -7.28 -14.95 -6.39
C SER A 116 -5.82 -15.45 -6.41
N SER A 117 -5.64 -16.74 -6.13
CA SER A 117 -4.32 -17.35 -6.12
C SER A 117 -4.03 -17.86 -7.52
N LYS A 118 -5.10 -18.05 -8.29
CA LYS A 118 -5.02 -18.51 -9.66
C LYS A 118 -5.23 -17.34 -10.63
N SER A 119 -4.13 -16.83 -11.14
CA SER A 119 -4.19 -15.71 -12.07
C SER A 119 -4.69 -16.17 -13.44
N GLU A 120 -5.41 -15.28 -14.09
CA GLU A 120 -5.94 -15.57 -15.41
C GLU A 120 -4.83 -15.46 -16.45
N LYS A 121 -5.00 -16.16 -17.56
CA LYS A 121 -4.02 -16.16 -18.64
C LYS A 121 -4.30 -15.09 -19.67
N CYS A 122 -3.25 -14.36 -20.06
CA CYS A 122 -3.38 -13.31 -21.05
C CYS A 122 -3.95 -13.87 -22.36
N HIS B 1 1.75 -8.42 19.87
CA HIS B 1 1.88 -8.67 18.40
C HIS B 1 0.53 -8.52 17.69
N LEU B 2 0.58 -8.13 16.42
CA LEU B 2 -0.63 -7.93 15.65
C LEU B 2 -1.38 -9.23 15.35
N LEU B 3 -0.65 -10.35 15.38
CA LEU B 3 -1.23 -11.66 15.09
C LEU B 3 -2.06 -12.18 16.26
N GLN B 4 -1.78 -11.62 17.45
CA GLN B 4 -2.50 -11.96 18.67
C GLN B 4 -3.73 -11.07 18.69
N PHE B 5 -3.55 -9.81 18.29
CA PHE B 5 -4.66 -8.88 18.20
C PHE B 5 -5.68 -9.52 17.25
N ARG B 6 -5.18 -10.09 16.15
CA ARG B 6 -6.02 -10.73 15.12
C ARG B 6 -6.91 -11.84 15.69
N LYS B 7 -6.35 -12.64 16.59
CA LYS B 7 -7.10 -13.73 17.21
C LYS B 7 -8.16 -13.19 18.18
N MET B 8 -7.82 -12.15 18.94
CA MET B 8 -8.76 -11.56 19.86
C MET B 8 -9.99 -11.05 19.10
N ILE B 9 -9.73 -10.44 17.93
CA ILE B 9 -10.81 -9.88 17.10
C ILE B 9 -11.67 -10.96 16.48
N LYS B 10 -11.03 -12.00 15.96
CA LYS B 10 -11.77 -13.09 15.34
C LYS B 10 -12.67 -13.79 16.34
N LYS B 11 -12.18 -13.92 17.57
CA LYS B 11 -12.92 -14.58 18.65
C LYS B 11 -14.11 -13.79 19.15
N MET B 12 -13.88 -12.52 19.46
CA MET B 12 -14.95 -11.65 19.95
C MET B 12 -15.96 -11.22 18.87
N THR B 13 -15.44 -10.99 17.67
CA THR B 13 -16.23 -10.51 16.53
C THR B 13 -16.79 -11.56 15.59
N GLY B 14 -16.04 -12.64 15.39
CA GLY B 14 -16.50 -13.70 14.51
C GLY B 14 -16.05 -13.46 13.08
N LYS B 15 -15.56 -12.27 12.80
CA LYS B 15 -15.09 -11.93 11.47
C LYS B 15 -13.59 -12.13 11.30
N GLU B 16 -13.17 -12.40 10.07
CA GLU B 16 -11.77 -12.58 9.75
C GLU B 16 -11.19 -11.16 9.72
N PRO B 17 -10.39 -10.80 10.72
CA PRO B 17 -9.79 -9.45 10.79
C PRO B 17 -9.07 -8.92 9.54
N VAL B 18 -8.27 -9.77 8.89
CA VAL B 18 -7.51 -9.36 7.70
C VAL B 18 -8.44 -8.84 6.59
N VAL B 19 -9.68 -9.32 6.58
CA VAL B 19 -10.64 -8.92 5.58
C VAL B 19 -11.56 -7.78 6.04
N SER B 20 -12.24 -8.00 7.16
CA SER B 20 -13.18 -7.01 7.69
C SER B 20 -12.66 -5.82 8.49
N TYR B 21 -11.45 -5.92 9.04
CA TYR B 21 -10.92 -4.82 9.87
C TYR B 21 -9.60 -4.20 9.45
N ALA B 22 -8.72 -4.97 8.83
CA ALA B 22 -7.42 -4.48 8.40
C ALA B 22 -7.42 -3.21 7.55
N PHE B 23 -8.54 -2.95 6.85
CA PHE B 23 -8.64 -1.77 5.99
C PHE B 23 -9.92 -0.95 6.16
N TYR B 24 -10.55 -1.03 7.32
CA TYR B 24 -11.80 -0.30 7.59
C TYR B 24 -11.69 1.22 7.77
N GLY B 25 -12.77 1.92 7.44
CA GLY B 25 -12.83 3.37 7.60
C GLY B 25 -11.56 4.14 7.34
N CYS B 26 -11.21 5.05 8.24
CA CYS B 26 -10.02 5.92 8.13
C CYS B 26 -8.84 5.67 9.11
N TYR B 27 -9.05 4.95 10.20
CA TYR B 27 -8.00 4.75 11.20
C TYR B 27 -7.57 3.30 11.50
N CYS B 28 -8.37 2.34 11.08
CA CYS B 28 -8.04 0.94 11.34
C CYS B 28 -6.69 0.51 10.77
N GLY B 29 -6.60 0.43 9.45
CA GLY B 29 -5.35 0.04 8.82
C GLY B 29 -4.18 0.82 9.40
N SER B 30 -3.63 0.29 10.50
CA SER B 30 -2.51 0.88 11.21
C SER B 30 -2.36 2.40 11.03
N GLY B 31 -2.65 3.15 12.09
CA GLY B 31 -2.54 4.60 12.02
C GLY B 31 -3.79 5.18 11.38
N GLY B 32 -3.73 6.44 11.00
CA GLY B 32 -4.91 7.05 10.41
C GLY B 32 -4.76 8.46 9.86
N ARG B 33 -5.91 9.04 9.51
CA ARG B 33 -6.00 10.40 8.96
C ARG B 33 -7.40 11.02 9.05
N GLY B 34 -7.45 12.26 9.52
CA GLY B 34 -8.72 12.98 9.62
C GLY B 34 -9.68 12.64 10.75
N LYS B 35 -10.91 12.30 10.39
CA LYS B 35 -11.89 12.00 11.41
C LYS B 35 -12.45 10.62 11.29
N PRO B 36 -12.59 9.89 12.42
CA PRO B 36 -13.12 8.53 12.40
C PRO B 36 -14.44 8.46 11.62
N LYS B 37 -14.51 7.52 10.69
CA LYS B 37 -15.69 7.32 9.84
C LYS B 37 -16.97 7.00 10.62
N ASN B 38 -16.89 6.02 11.50
CA ASN B 38 -18.03 5.62 12.30
C ASN B 38 -17.59 5.05 13.65
N ALA B 39 -18.54 4.44 14.35
CA ALA B 39 -18.29 3.86 15.67
C ALA B 39 -17.12 2.89 15.66
N THR B 40 -17.07 2.05 14.63
CA THR B 40 -16.02 1.05 14.49
C THR B 40 -14.68 1.68 14.14
N ASP B 41 -14.71 2.74 13.35
CA ASP B 41 -13.49 3.43 12.95
C ASP B 41 -12.89 4.15 14.15
N ARG B 42 -13.74 4.50 15.10
CA ARG B 42 -13.30 5.18 16.30
C ARG B 42 -12.58 4.20 17.23
N CYS B 43 -12.97 2.93 17.18
CA CYS B 43 -12.34 1.90 17.99
C CYS B 43 -10.89 1.83 17.58
N CYS B 44 -10.64 1.95 16.28
CA CYS B 44 -9.32 1.92 15.70
C CYS B 44 -8.57 3.21 16.04
N PHE B 45 -9.29 4.33 16.09
CA PHE B 45 -8.68 5.61 16.42
C PHE B 45 -8.10 5.52 17.84
N VAL B 46 -8.90 5.00 18.75
CA VAL B 46 -8.48 4.86 20.14
C VAL B 46 -7.34 3.86 20.26
N HIS B 47 -7.47 2.74 19.56
CA HIS B 47 -6.44 1.71 19.58
C HIS B 47 -5.11 2.34 19.17
N ASP B 48 -5.19 3.30 18.26
CA ASP B 48 -3.99 3.97 17.77
C ASP B 48 -3.42 4.91 18.81
N CYS B 49 -4.31 5.59 19.53
CA CYS B 49 -3.88 6.52 20.57
C CYS B 49 -3.25 5.74 21.70
N CYS B 50 -3.73 4.50 21.87
CA CYS B 50 -3.23 3.61 22.91
C CYS B 50 -1.78 3.24 22.61
N TYR B 51 -1.53 2.70 21.42
CA TYR B 51 -0.19 2.29 21.01
C TYR B 51 0.77 3.48 21.06
N GLU B 52 0.23 4.69 21.04
CA GLU B 52 1.04 5.91 21.07
C GLU B 52 1.64 6.14 22.45
N LYS B 53 0.99 5.62 23.49
CA LYS B 53 1.45 5.76 24.87
C LYS B 53 2.54 4.75 25.23
N VAL B 54 2.44 3.53 24.68
CA VAL B 54 3.42 2.49 24.96
C VAL B 54 4.80 3.02 24.57
N THR B 55 5.70 3.07 25.56
CA THR B 55 7.05 3.59 25.38
C THR B 55 8.19 2.56 25.34
N GLY B 56 8.26 1.73 26.38
CA GLY B 56 9.34 0.76 26.46
C GLY B 56 9.40 -0.46 25.55
N CYS B 57 8.39 -0.72 24.74
CA CYS B 57 8.41 -1.89 23.87
C CYS B 57 7.72 -1.67 22.52
N ASP B 58 7.70 -2.70 21.69
CA ASP B 58 7.07 -2.62 20.36
C ASP B 58 5.69 -3.25 20.35
N PRO B 59 4.64 -2.40 20.38
CA PRO B 59 3.25 -2.88 20.38
C PRO B 59 2.85 -3.66 19.14
N LYS B 60 3.58 -3.43 18.07
CA LYS B 60 3.28 -4.09 16.82
C LYS B 60 3.86 -5.47 16.69
N TRP B 61 5.15 -5.60 16.98
CA TRP B 61 5.84 -6.88 16.81
C TRP B 61 6.23 -7.65 18.08
N ASP B 62 5.94 -7.06 19.24
CA ASP B 62 6.28 -7.71 20.50
C ASP B 62 5.16 -8.63 20.93
N ASP B 63 5.52 -9.87 21.22
CA ASP B 63 4.55 -10.86 21.67
C ASP B 63 4.25 -10.60 23.13
N TYR B 64 2.98 -10.62 23.49
CA TYR B 64 2.62 -10.45 24.90
C TYR B 64 1.96 -11.74 25.32
N THR B 65 1.61 -11.84 26.59
CA THR B 65 0.97 -13.03 27.11
C THR B 65 -0.42 -12.66 27.63
N TYR B 66 -1.42 -13.43 27.23
CA TYR B 66 -2.80 -13.17 27.63
C TYR B 66 -3.49 -14.52 27.64
N SER B 67 -4.71 -14.56 28.18
CA SER B 67 -5.46 -15.81 28.26
C SER B 67 -6.94 -15.56 28.06
N TRP B 68 -7.60 -16.51 27.39
CA TRP B 68 -9.02 -16.39 27.12
C TRP B 68 -9.82 -16.94 28.29
N LYS B 69 -9.26 -16.80 29.49
CA LYS B 69 -9.89 -17.29 30.71
C LYS B 69 -11.29 -16.69 30.94
N ASN B 70 -12.30 -17.54 30.80
CA ASN B 70 -13.71 -17.18 30.99
C ASN B 70 -14.34 -16.36 29.89
N GLY B 71 -14.13 -16.77 28.64
CA GLY B 71 -14.70 -16.04 27.51
C GLY B 71 -14.22 -14.59 27.43
N THR B 72 -13.22 -14.26 28.26
CA THR B 72 -12.66 -12.92 28.28
C THR B 72 -11.15 -12.99 28.17
N ILE B 73 -10.60 -11.97 27.53
CA ILE B 73 -9.17 -11.89 27.35
C ILE B 73 -8.58 -11.47 28.69
N VAL B 74 -7.57 -12.20 29.13
CA VAL B 74 -6.92 -11.90 30.38
C VAL B 74 -5.47 -11.60 30.11
N CYS B 75 -5.10 -10.33 30.14
CA CYS B 75 -3.73 -9.94 29.88
C CYS B 75 -2.86 -10.22 31.10
N GLY B 76 -1.73 -10.89 30.88
CA GLY B 76 -0.81 -11.20 31.96
C GLY B 76 0.64 -10.85 31.72
N GLY B 77 1.52 -11.56 32.41
CA GLY B 77 2.95 -11.33 32.28
C GLY B 77 3.53 -10.42 33.35
N ASP B 78 4.84 -10.38 33.44
CA ASP B 78 5.49 -9.56 34.43
C ASP B 78 5.93 -8.24 33.82
N ASP B 79 5.87 -8.15 32.50
CA ASP B 79 6.25 -6.93 31.80
C ASP B 79 5.04 -6.02 31.69
N PRO B 80 5.15 -4.80 32.23
CA PRO B 80 4.05 -3.83 32.18
C PRO B 80 3.89 -3.19 30.80
N CYS B 81 5.01 -3.02 30.09
CA CYS B 81 4.92 -2.42 28.77
C CYS B 81 4.11 -3.32 27.85
N LYS B 82 4.43 -4.61 27.89
CA LYS B 82 3.75 -5.60 27.08
C LYS B 82 2.30 -5.77 27.54
N LYS B 83 2.09 -5.76 28.87
CA LYS B 83 0.75 -5.89 29.42
C LYS B 83 -0.04 -4.69 28.93
N GLU B 84 0.65 -3.55 28.84
CA GLU B 84 0.04 -2.32 28.37
C GLU B 84 -0.51 -2.50 26.97
N VAL B 85 0.33 -2.95 26.05
CA VAL B 85 -0.13 -3.13 24.69
C VAL B 85 -1.22 -4.20 24.62
N CYS B 86 -1.15 -5.20 25.47
CA CYS B 86 -2.17 -6.24 25.45
C CYS B 86 -3.51 -5.63 25.83
N GLU B 87 -3.48 -4.70 26.77
CA GLU B 87 -4.71 -4.05 27.21
C GLU B 87 -5.28 -3.20 26.07
N CYS B 88 -4.40 -2.70 25.22
CA CYS B 88 -4.81 -1.88 24.07
C CYS B 88 -5.60 -2.78 23.13
N ASP B 89 -4.99 -3.91 22.80
CA ASP B 89 -5.62 -4.88 21.90
C ASP B 89 -6.92 -5.43 22.46
N LYS B 90 -6.91 -5.76 23.75
CA LYS B 90 -8.09 -6.31 24.39
C LYS B 90 -9.27 -5.34 24.34
N ALA B 91 -8.99 -4.06 24.55
CA ALA B 91 -10.00 -3.02 24.53
C ALA B 91 -10.63 -2.83 23.15
N ALA B 92 -9.79 -2.89 22.10
CA ALA B 92 -10.25 -2.71 20.73
C ALA B 92 -11.15 -3.85 20.28
N ALA B 93 -10.73 -5.09 20.55
CA ALA B 93 -11.53 -6.26 20.17
C ALA B 93 -12.90 -6.16 20.81
N ILE B 94 -12.94 -5.70 22.06
CA ILE B 94 -14.19 -5.55 22.77
C ILE B 94 -14.98 -4.45 22.06
N CYS B 95 -14.31 -3.34 21.77
CA CYS B 95 -14.94 -2.22 21.09
C CYS B 95 -15.59 -2.66 19.78
N PHE B 96 -14.87 -3.46 19.00
CA PHE B 96 -15.38 -3.93 17.72
C PHE B 96 -16.65 -4.75 17.95
N ARG B 97 -16.63 -5.57 18.99
CA ARG B 97 -17.77 -6.41 19.31
C ARG B 97 -19.01 -5.62 19.68
N ASP B 98 -18.84 -4.60 20.49
CA ASP B 98 -19.95 -3.76 20.93
C ASP B 98 -20.56 -2.89 19.83
N ASN B 99 -19.79 -2.62 18.78
CA ASN B 99 -20.25 -1.78 17.69
C ASN B 99 -20.55 -2.55 16.42
N LEU B 100 -20.46 -3.88 16.50
CA LEU B 100 -20.72 -4.76 15.37
C LEU B 100 -22.02 -4.45 14.62
N LYS B 101 -23.02 -3.98 15.35
CA LYS B 101 -24.31 -3.65 14.79
C LYS B 101 -24.29 -2.47 13.82
N THR B 102 -23.34 -1.56 14.00
CA THR B 102 -23.22 -0.38 13.14
C THR B 102 -22.09 -0.50 12.12
N TYR B 103 -21.63 -1.72 11.89
CA TYR B 103 -20.56 -1.99 10.93
C TYR B 103 -21.09 -1.87 9.50
N LYS B 104 -20.49 -0.97 8.73
CA LYS B 104 -20.89 -0.76 7.34
C LYS B 104 -19.84 -1.37 6.42
N LYS B 105 -20.29 -2.24 5.51
CA LYS B 105 -19.40 -2.90 4.57
C LYS B 105 -18.76 -1.95 3.59
N ARG B 106 -19.33 -0.76 3.47
CA ARG B 106 -18.81 0.25 2.56
C ARG B 106 -17.53 0.89 3.07
N TYR B 107 -17.27 0.74 4.36
CA TYR B 107 -16.08 1.32 4.96
C TYR B 107 -14.86 0.41 4.94
N MET B 108 -15.06 -0.89 4.77
CA MET B 108 -13.90 -1.78 4.69
C MET B 108 -13.31 -1.38 3.35
N ALA B 109 -12.00 -1.49 3.21
CA ALA B 109 -11.34 -1.10 1.96
C ALA B 109 -11.64 0.36 1.60
N TYR B 110 -11.75 1.23 2.60
CA TYR B 110 -12.04 2.64 2.38
C TYR B 110 -10.80 3.41 1.96
N PRO B 111 -10.92 4.21 0.87
CA PRO B 111 -9.82 5.03 0.32
C PRO B 111 -9.42 6.19 1.25
N ASP B 112 -8.11 6.32 1.47
CA ASP B 112 -7.58 7.35 2.34
C ASP B 112 -7.70 8.77 1.84
N ILE B 113 -7.58 8.96 0.53
CA ILE B 113 -7.68 10.30 -0.02
C ILE B 113 -9.03 10.89 0.35
N LEU B 114 -9.98 10.01 0.64
CA LEU B 114 -11.32 10.42 1.00
C LEU B 114 -11.40 10.84 2.48
N CYS B 115 -10.32 10.62 3.22
CA CYS B 115 -10.32 10.98 4.64
C CYS B 115 -10.05 12.45 4.88
N SER B 116 -10.63 12.96 5.97
CA SER B 116 -10.48 14.37 6.36
C SER B 116 -9.03 14.85 6.33
N SER B 117 -8.84 16.14 6.09
CA SER B 117 -7.51 16.74 6.05
C SER B 117 -7.14 17.15 7.47
N LYS B 118 -8.17 17.33 8.29
CA LYS B 118 -8.00 17.71 9.68
C LYS B 118 -8.20 16.50 10.56
N SER B 119 -7.09 15.94 11.01
CA SER B 119 -7.13 14.77 11.87
C SER B 119 -7.54 15.16 13.29
N GLU B 120 -8.26 14.25 13.94
CA GLU B 120 -8.71 14.44 15.30
C GLU B 120 -7.58 14.24 16.29
N LYS B 121 -7.68 14.92 17.44
CA LYS B 121 -6.66 14.84 18.47
C LYS B 121 -6.91 13.71 19.47
N CYS B 122 -5.85 12.97 19.75
CA CYS B 122 -5.93 11.85 20.69
C CYS B 122 -6.42 12.35 22.03
N HIS C 1 -4.62 24.45 -2.72
CA HIS C 1 -4.98 23.15 -3.35
C HIS C 1 -3.75 22.25 -3.52
N LEU C 2 -3.98 20.95 -3.53
CA LEU C 2 -2.87 20.00 -3.67
C LEU C 2 -2.25 20.02 -5.05
N LEU C 3 -3.03 20.42 -6.05
CA LEU C 3 -2.54 20.47 -7.43
C LEU C 3 -1.61 21.64 -7.65
N GLN C 4 -1.69 22.63 -6.78
CA GLN C 4 -0.84 23.80 -6.85
C GLN C 4 0.43 23.42 -6.12
N PHE C 5 0.27 22.69 -5.03
CA PHE C 5 1.41 22.22 -4.26
C PHE C 5 2.26 21.39 -5.23
N ARG C 6 1.59 20.55 -6.01
CA ARG C 6 2.24 19.68 -6.98
C ARG C 6 3.10 20.43 -8.00
N LYS C 7 2.64 21.59 -8.46
CA LYS C 7 3.39 22.38 -9.43
C LYS C 7 4.62 23.02 -8.75
N MET C 8 4.44 23.49 -7.52
CA MET C 8 5.55 24.09 -6.78
C MET C 8 6.69 23.08 -6.62
N ILE C 9 6.31 21.83 -6.37
CA ILE C 9 7.28 20.77 -6.18
C ILE C 9 7.98 20.40 -7.46
N LYS C 10 7.21 20.25 -8.53
CA LYS C 10 7.77 19.89 -9.82
C LYS C 10 8.78 20.95 -10.25
N LYS C 11 8.42 22.22 -10.03
CA LYS C 11 9.28 23.35 -10.41
C LYS C 11 10.58 23.48 -9.64
N MET C 12 10.49 23.37 -8.32
CA MET C 12 11.68 23.49 -7.48
C MET C 12 12.52 22.24 -7.46
N THR C 13 11.87 21.09 -7.57
CA THR C 13 12.54 19.81 -7.48
C THR C 13 12.90 19.15 -8.80
N GLY C 14 12.05 19.33 -9.79
CA GLY C 14 12.31 18.73 -11.08
C GLY C 14 11.67 17.37 -11.20
N LYS C 15 11.22 16.82 -10.09
CA LYS C 15 10.58 15.53 -10.08
C LYS C 15 9.05 15.59 -10.16
N GLU C 16 8.47 14.54 -10.73
CA GLU C 16 7.02 14.45 -10.85
C GLU C 16 6.55 14.07 -9.44
N PRO C 17 5.90 15.00 -8.74
CA PRO C 17 5.40 14.76 -7.38
C PRO C 17 4.55 13.49 -7.17
N VAL C 18 3.60 13.23 -8.07
CA VAL C 18 2.73 12.06 -7.97
C VAL C 18 3.50 10.74 -7.87
N VAL C 19 4.71 10.72 -8.43
CA VAL C 19 5.53 9.53 -8.41
C VAL C 19 6.57 9.55 -7.29
N SER C 20 7.39 10.61 -7.25
CA SER C 20 8.46 10.73 -6.27
C SER C 20 8.14 11.20 -4.85
N TYR C 21 7.01 11.85 -4.64
CA TYR C 21 6.69 12.36 -3.32
C TYR C 21 5.36 11.97 -2.70
N ALA C 22 4.37 11.68 -3.52
CA ALA C 22 3.05 11.33 -3.03
C ALA C 22 3.02 10.15 -2.06
N PHE C 23 4.05 9.29 -2.12
CA PHE C 23 4.10 8.11 -1.25
C PHE C 23 5.45 7.90 -0.59
N TYR C 24 6.21 8.97 -0.43
CA TYR C 24 7.55 8.90 0.16
C TYR C 24 7.61 8.86 1.69
N GLY C 25 8.46 8.00 2.22
CA GLY C 25 8.65 7.89 3.64
C GLY C 25 7.39 7.58 4.43
N CYS C 26 7.36 8.02 5.69
CA CYS C 26 6.21 7.77 6.55
C CYS C 26 5.23 8.94 6.62
N TYR C 27 5.64 10.11 6.15
CA TYR C 27 4.74 11.26 6.25
C TYR C 27 4.24 11.87 4.96
N CYS C 28 5.02 11.79 3.89
CA CYS C 28 4.59 12.36 2.64
C CYS C 28 3.30 11.69 2.22
N GLY C 29 3.30 10.37 2.31
CA GLY C 29 2.13 9.59 1.94
C GLY C 29 0.96 9.86 2.85
N SER C 30 -0.24 9.87 2.28
CA SER C 30 -1.48 10.12 3.02
C SER C 30 -1.33 9.90 4.53
N GLY C 31 -1.50 10.99 5.29
CA GLY C 31 -1.38 10.89 6.73
C GLY C 31 0.04 10.60 7.16
N GLY C 32 0.20 9.91 8.28
CA GLY C 32 1.53 9.59 8.73
C GLY C 32 1.68 9.29 10.21
N ARG C 33 2.29 8.14 10.49
CA ARG C 33 2.54 7.73 11.87
C ARG C 33 4.04 7.49 11.99
N GLY C 34 4.47 7.13 13.19
CA GLY C 34 5.86 6.87 13.41
C GLY C 34 6.71 8.11 13.28
N LYS C 35 8.00 7.86 13.17
CA LYS C 35 9.02 8.89 13.07
C LYS C 35 9.44 9.14 11.61
N PRO C 36 9.69 10.41 11.25
CA PRO C 36 10.12 10.69 9.88
C PRO C 36 11.31 9.82 9.48
N LYS C 37 11.20 9.22 8.30
CA LYS C 37 12.21 8.32 7.74
C LYS C 37 13.56 8.98 7.50
N ASN C 38 13.55 10.13 6.84
CA ASN C 38 14.77 10.88 6.55
C ASN C 38 14.49 12.38 6.43
N ALA C 39 15.48 13.12 5.94
CA ALA C 39 15.38 14.58 5.79
C ALA C 39 14.18 15.01 4.96
N THR C 40 13.91 14.25 3.91
CA THR C 40 12.79 14.52 3.01
C THR C 40 11.45 14.14 3.65
N ASP C 41 11.44 13.10 4.45
CA ASP C 41 10.21 12.66 5.12
C ASP C 41 9.83 13.65 6.20
N ARG C 42 10.84 14.35 6.72
CA ARG C 42 10.64 15.35 7.75
C ARG C 42 9.98 16.59 7.16
N CYS C 43 10.29 16.88 5.91
CA CYS C 43 9.70 18.04 5.23
C CYS C 43 8.20 17.84 5.19
N CYS C 44 7.80 16.58 4.98
CA CYS C 44 6.40 16.18 4.90
C CYS C 44 5.78 16.23 6.27
N PHE C 45 6.57 15.88 7.28
CA PHE C 45 6.09 15.90 8.67
C PHE C 45 5.73 17.34 9.03
N VAL C 46 6.63 18.26 8.72
CA VAL C 46 6.42 19.67 8.99
C VAL C 46 5.24 20.20 8.19
N HIS C 47 5.20 19.85 6.91
CA HIS C 47 4.12 20.29 6.05
C HIS C 47 2.78 19.85 6.65
N ASP C 48 2.79 18.72 7.34
CA ASP C 48 1.59 18.18 7.97
C ASP C 48 1.22 18.97 9.22
N CYS C 49 2.24 19.37 9.97
CA CYS C 49 2.05 20.15 11.18
C CYS C 49 1.50 21.53 10.81
N CYS C 50 1.92 22.01 9.65
CA CYS C 50 1.50 23.30 9.13
C CYS C 50 0.01 23.29 8.83
N TYR C 51 -0.42 22.32 8.03
CA TYR C 51 -1.81 22.18 7.66
C TYR C 51 -2.69 22.00 8.90
N GLU C 52 -2.09 21.57 10.00
CA GLU C 52 -2.83 21.36 11.24
C GLU C 52 -3.23 22.68 11.89
N LYS C 53 -2.44 23.73 11.64
CA LYS C 53 -2.69 25.05 12.19
C LYS C 53 -3.77 25.81 11.43
N VAL C 54 -3.85 25.61 10.12
CA VAL C 54 -4.85 26.28 9.28
C VAL C 54 -6.24 25.93 9.82
N THR C 55 -6.98 26.95 10.24
CA THR C 55 -8.29 26.75 10.82
C THR C 55 -9.49 27.16 9.96
N GLY C 56 -9.46 28.40 9.47
CA GLY C 56 -10.56 28.92 8.68
C GLY C 56 -10.86 28.42 7.27
N CYS C 57 -9.97 27.60 6.70
CA CYS C 57 -10.19 27.10 5.34
C CYS C 57 -9.70 25.68 5.12
N ASP C 58 -9.88 25.18 3.90
CA ASP C 58 -9.45 23.83 3.53
C ASP C 58 -8.12 23.86 2.78
N PRO C 59 -7.02 23.52 3.48
CA PRO C 59 -5.67 23.52 2.88
C PRO C 59 -5.49 22.50 1.75
N LYS C 60 -6.36 21.49 1.74
CA LYS C 60 -6.26 20.45 0.74
C LYS C 60 -6.97 20.77 -0.56
N TRP C 61 -8.21 21.25 -0.47
CA TRP C 61 -8.98 21.54 -1.65
C TRP C 61 -9.26 23.01 -1.96
N ASP C 62 -8.76 23.91 -1.11
CA ASP C 62 -8.98 25.33 -1.36
C ASP C 62 -7.87 25.90 -2.24
N ASP C 63 -8.27 26.56 -3.31
CA ASP C 63 -7.31 27.16 -4.21
C ASP C 63 -6.79 28.45 -3.60
N TYR C 64 -5.48 28.65 -3.65
CA TYR C 64 -4.90 29.88 -3.14
C TYR C 64 -4.27 30.59 -4.33
N THR C 65 -3.75 31.78 -4.09
CA THR C 65 -3.13 32.54 -5.16
C THR C 65 -1.67 32.76 -4.80
N TYR C 66 -0.80 32.48 -5.76
CA TYR C 66 0.64 32.65 -5.57
C TYR C 66 1.24 32.97 -6.93
N SER C 67 2.51 33.36 -6.95
CA SER C 67 3.17 33.70 -8.20
C SER C 67 4.64 33.27 -8.18
N TRP C 68 5.12 32.82 -9.32
CA TRP C 68 6.51 32.38 -9.43
C TRP C 68 7.42 33.56 -9.70
N LYS C 69 7.06 34.71 -9.16
CA LYS C 69 7.83 35.94 -9.35
C LYS C 69 9.27 35.82 -8.85
N ASN C 70 10.19 35.81 -9.81
CA ASN C 70 11.63 35.73 -9.55
C ASN C 70 12.14 34.35 -9.14
N GLY C 71 11.73 33.32 -9.86
CA GLY C 71 12.18 31.97 -9.53
C GLY C 71 11.80 31.55 -8.14
N THR C 72 10.97 32.37 -7.49
CA THR C 72 10.51 32.08 -6.14
C THR C 72 9.00 32.17 -6.06
N ILE C 73 8.41 31.29 -5.25
CA ILE C 73 6.97 31.27 -5.07
C ILE C 73 6.61 32.48 -4.23
N VAL C 74 5.62 33.23 -4.69
CA VAL C 74 5.18 34.43 -4.00
C VAL C 74 3.73 34.26 -3.64
N CYS C 75 3.46 33.93 -2.39
CA CYS C 75 2.09 33.73 -1.96
C CYS C 75 1.39 35.07 -1.78
N GLY C 76 0.18 35.18 -2.34
CA GLY C 76 -0.57 36.42 -2.23
C GLY C 76 -2.02 36.25 -1.83
N GLY C 77 -2.85 37.22 -2.23
CA GLY C 77 -4.26 37.16 -1.90
C GLY C 77 -4.61 38.00 -0.67
N ASP C 78 -5.91 38.24 -0.48
CA ASP C 78 -6.37 39.03 0.66
C ASP C 78 -6.81 38.13 1.80
N ASP C 79 -6.92 36.84 1.51
CA ASP C 79 -7.31 35.87 2.52
C ASP C 79 -6.06 35.36 3.23
N PRO C 80 -5.99 35.55 4.55
CA PRO C 80 -4.84 35.10 5.34
C PRO C 80 -4.83 33.59 5.57
N CYS C 81 -6.02 32.97 5.61
CA CYS C 81 -6.11 31.54 5.82
C CYS C 81 -5.49 30.83 4.63
N LYS C 82 -5.89 31.26 3.45
CA LYS C 82 -5.38 30.67 2.21
C LYS C 82 -3.89 31.00 2.03
N LYS C 83 -3.51 32.23 2.35
CA LYS C 83 -2.12 32.64 2.25
C LYS C 83 -1.32 31.75 3.20
N GLU C 84 -1.95 31.40 4.32
CA GLU C 84 -1.33 30.56 5.32
C GLU C 84 -1.01 29.21 4.71
N VAL C 85 -2.00 28.57 4.10
CA VAL C 85 -1.74 27.26 3.50
C VAL C 85 -0.76 27.37 2.34
N CYS C 86 -0.76 28.50 1.64
CA CYS C 86 0.18 28.66 0.52
C CYS C 86 1.59 28.67 1.07
N GLU C 87 1.76 29.30 2.23
CA GLU C 87 3.08 29.39 2.84
C GLU C 87 3.54 28.00 3.31
N CYS C 88 2.59 27.12 3.61
CA CYS C 88 2.89 25.75 4.03
C CYS C 88 3.49 25.04 2.82
N ASP C 89 2.76 25.10 1.72
CA ASP C 89 3.18 24.48 0.48
C ASP C 89 4.50 25.00 -0.02
N LYS C 90 4.68 26.32 0.01
CA LYS C 90 5.90 26.97 -0.45
C LYS C 90 7.13 26.53 0.35
N ALA C 91 6.95 26.37 1.65
CA ALA C 91 8.04 25.94 2.51
C ALA C 91 8.44 24.48 2.27
N ALA C 92 7.45 23.62 2.00
CA ALA C 92 7.70 22.21 1.75
C ALA C 92 8.48 22.01 0.45
N ALA C 93 8.00 22.67 -0.61
CA ALA C 93 8.67 22.57 -1.91
C ALA C 93 10.13 22.98 -1.76
N ILE C 94 10.36 24.04 -1.00
CA ILE C 94 11.71 24.51 -0.77
C ILE C 94 12.49 23.45 0.00
N CYS C 95 11.84 22.90 1.02
CA CYS C 95 12.44 21.86 1.84
C CYS C 95 12.88 20.66 0.98
N PHE C 96 11.99 20.23 0.09
CA PHE C 96 12.29 19.09 -0.75
C PHE C 96 13.53 19.39 -1.59
N ARG C 97 13.61 20.62 -2.08
CA ARG C 97 14.72 21.07 -2.90
C ARG C 97 16.06 21.05 -2.18
N ASP C 98 16.07 21.54 -0.95
CA ASP C 98 17.28 21.58 -0.16
C ASP C 98 17.78 20.21 0.30
N ASN C 99 16.89 19.23 0.31
CA ASN C 99 17.26 17.88 0.76
C ASN C 99 17.32 16.86 -0.35
N LEU C 100 17.14 17.32 -1.58
CA LEU C 100 17.16 16.47 -2.76
C LEU C 100 18.37 15.52 -2.80
N LYS C 101 19.49 15.97 -2.23
CA LYS C 101 20.71 15.18 -2.24
C LYS C 101 20.65 13.93 -1.36
N THR C 102 19.77 13.95 -0.35
CA THR C 102 19.62 12.79 0.54
C THR C 102 18.35 11.99 0.27
N TYR C 103 17.76 12.18 -0.91
CA TYR C 103 16.53 11.49 -1.31
C TYR C 103 16.87 10.03 -1.65
N LYS C 104 16.24 9.09 -0.97
CA LYS C 104 16.47 7.67 -1.22
C LYS C 104 15.26 7.10 -1.94
N LYS C 105 15.52 6.44 -3.06
CA LYS C 105 14.45 5.85 -3.86
C LYS C 105 13.73 4.71 -3.14
N ARG C 106 14.35 4.19 -2.09
CA ARG C 106 13.77 3.07 -1.34
C ARG C 106 12.62 3.51 -0.43
N TYR C 107 12.51 4.81 -0.21
CA TYR C 107 11.47 5.35 0.64
C TYR C 107 10.22 5.75 -0.11
N MET C 108 10.30 5.95 -1.43
CA MET C 108 9.09 6.28 -2.17
C MET C 108 8.36 4.97 -2.10
N ALA C 109 7.03 5.01 -2.16
CA ALA C 109 6.25 3.77 -2.05
C ALA C 109 6.55 2.96 -0.77
N TYR C 110 6.84 3.65 0.33
CA TYR C 110 7.18 3.00 1.60
C TYR C 110 5.93 2.54 2.35
N PRO C 111 5.90 1.25 2.75
CA PRO C 111 4.80 0.61 3.49
C PRO C 111 4.65 1.20 4.89
N ASP C 112 3.40 1.51 5.23
CA ASP C 112 3.09 2.10 6.52
C ASP C 112 3.24 1.20 7.74
N ILE C 113 2.97 -0.09 7.56
CA ILE C 113 3.10 -1.01 8.68
C ILE C 113 4.53 -0.99 9.18
N LEU C 114 5.44 -0.53 8.33
CA LEU C 114 6.84 -0.45 8.70
C LEU C 114 7.16 0.83 9.48
N CYS C 115 6.18 1.71 9.62
CA CYS C 115 6.42 2.95 10.35
C CYS C 115 6.27 2.77 11.86
N SER C 116 7.01 3.60 12.58
CA SER C 116 7.03 3.60 14.04
C SER C 116 5.63 3.62 14.61
N SER C 117 5.47 3.04 15.81
CA SER C 117 4.18 3.00 16.50
C SER C 117 4.07 4.25 17.35
N LYS C 118 5.22 4.84 17.65
CA LYS C 118 5.28 6.08 18.43
C LYS C 118 5.52 7.25 17.50
N SER C 119 4.45 7.97 17.17
CA SER C 119 4.53 9.12 16.29
C SER C 119 5.16 10.29 16.99
N GLU C 120 5.88 11.10 16.23
CA GLU C 120 6.55 12.27 16.76
C GLU C 120 5.55 13.40 16.98
N LYS C 121 5.88 14.29 17.92
CA LYS C 121 5.01 15.42 18.26
C LYS C 121 5.32 16.66 17.43
N CYS C 122 4.26 17.27 16.89
CA CYS C 122 4.41 18.47 16.09
C CYS C 122 5.14 19.54 16.89
N HIS D 1 -1.88 -22.50 4.13
CA HIS D 1 -2.25 -21.14 4.58
C HIS D 1 -1.03 -20.24 4.70
N LEU D 2 -1.22 -18.94 4.45
CA LEU D 2 -0.12 -17.98 4.53
C LEU D 2 0.41 -17.80 5.94
N LEU D 3 -0.41 -18.09 6.95
CA LEU D 3 0.00 -17.92 8.34
C LEU D 3 0.94 -19.03 8.78
N GLN D 4 0.90 -20.13 8.04
CA GLN D 4 1.74 -21.27 8.30
C GLN D 4 3.06 -20.97 7.61
N PHE D 5 2.96 -20.44 6.40
CA PHE D 5 4.14 -20.07 5.64
C PHE D 5 4.94 -19.10 6.50
N ARG D 6 4.21 -18.17 7.13
CA ARG D 6 4.81 -17.16 7.99
C ARG D 6 5.63 -17.73 9.13
N LYS D 7 5.15 -18.83 9.71
CA LYS D 7 5.86 -19.48 10.81
C LYS D 7 7.11 -20.21 10.30
N MET D 8 6.99 -20.83 9.13
CA MET D 8 8.13 -21.54 8.55
C MET D 8 9.27 -20.58 8.28
N ILE D 9 8.93 -19.35 7.84
CA ILE D 9 9.93 -18.33 7.53
C ILE D 9 10.55 -17.77 8.79
N LYS D 10 9.73 -17.48 9.79
CA LYS D 10 10.23 -16.93 11.04
C LYS D 10 11.20 -17.90 11.70
N LYS D 11 10.87 -19.18 11.63
CA LYS D 11 11.69 -20.23 12.23
C LYS D 11 13.03 -20.45 11.55
N MET D 12 13.00 -20.58 10.24
CA MET D 12 14.21 -20.81 9.46
C MET D 12 15.06 -19.56 9.30
N THR D 13 14.40 -18.41 9.19
CA THR D 13 15.07 -17.16 8.96
C THR D 13 15.36 -16.31 10.19
N GLY D 14 14.47 -16.36 11.16
CA GLY D 14 14.65 -15.58 12.38
C GLY D 14 14.04 -14.19 12.27
N LYS D 15 13.62 -13.82 11.08
CA LYS D 15 13.02 -12.50 10.88
C LYS D 15 11.50 -12.60 10.90
N GLU D 16 10.87 -11.47 11.23
CA GLU D 16 9.43 -11.34 11.26
C GLU D 16 9.02 -11.20 9.80
N PRO D 17 8.41 -12.25 9.22
CA PRO D 17 8.00 -12.20 7.81
C PRO D 17 7.14 -11.00 7.36
N VAL D 18 6.15 -10.60 8.15
CA VAL D 18 5.30 -9.48 7.77
C VAL D 18 6.10 -8.19 7.54
N VAL D 19 7.26 -8.07 8.18
CA VAL D 19 8.08 -6.89 8.05
C VAL D 19 9.18 -7.04 6.99
N SER D 20 9.99 -8.08 7.12
CA SER D 20 11.12 -8.34 6.22
C SER D 20 10.86 -9.02 4.87
N TYR D 21 9.74 -9.69 4.71
CA TYR D 21 9.48 -10.40 3.46
C TYR D 21 8.16 -10.09 2.72
N ALA D 22 7.14 -9.68 3.47
CA ALA D 22 5.85 -9.40 2.88
C ALA D 22 5.88 -8.40 1.74
N PHE D 23 6.87 -7.51 1.76
CA PHE D 23 6.99 -6.47 0.73
C PHE D 23 8.37 -6.35 0.08
N TYR D 24 9.17 -7.41 0.15
CA TYR D 24 10.49 -7.37 -0.45
C TYR D 24 10.46 -7.53 -1.97
N GLY D 25 11.35 -6.79 -2.65
CA GLY D 25 11.51 -6.83 -4.09
C GLY D 25 10.35 -6.60 -5.06
N CYS D 26 10.22 -7.49 -6.04
CA CYS D 26 9.17 -7.39 -7.05
C CYS D 26 8.21 -8.57 -7.00
N TYR D 27 8.63 -9.70 -6.41
CA TYR D 27 7.75 -10.89 -6.37
C TYR D 27 7.31 -11.36 -5.02
N CYS D 28 7.90 -10.84 -3.97
CA CYS D 28 7.52 -11.25 -2.64
C CYS D 28 6.19 -10.61 -2.30
N GLY D 29 5.30 -11.44 -1.76
CA GLY D 29 3.98 -10.98 -1.41
C GLY D 29 3.09 -10.96 -2.64
N SER D 30 2.16 -10.00 -2.66
CA SER D 30 1.20 -9.80 -3.75
C SER D 30 1.23 -10.92 -4.79
N GLY D 31 1.66 -10.52 -5.99
CA GLY D 31 1.80 -11.46 -7.07
C GLY D 31 3.24 -11.27 -7.44
N GLY D 32 3.48 -10.47 -8.47
CA GLY D 32 4.83 -10.22 -8.90
C GLY D 32 4.82 -9.59 -10.25
N ARG D 33 5.87 -8.83 -10.54
CA ARG D 33 5.98 -8.16 -11.81
C ARG D 33 7.43 -7.83 -12.14
N GLY D 34 7.81 -8.00 -13.40
CA GLY D 34 9.16 -7.69 -13.82
C GLY D 34 10.16 -8.82 -13.63
N LYS D 35 11.40 -8.44 -13.34
CA LYS D 35 12.46 -9.41 -13.13
C LYS D 35 12.84 -9.43 -11.65
N PRO D 36 13.06 -10.62 -11.07
CA PRO D 36 13.44 -10.70 -9.66
C PRO D 36 14.63 -9.79 -9.34
N LYS D 37 14.46 -8.99 -8.29
CA LYS D 37 15.46 -8.03 -7.83
C LYS D 37 16.80 -8.65 -7.45
N ASN D 38 16.76 -9.68 -6.62
CA ASN D 38 17.95 -10.37 -6.14
C ASN D 38 17.66 -11.83 -5.78
N ALA D 39 18.63 -12.51 -5.18
CA ALA D 39 18.50 -13.92 -4.82
C ALA D 39 17.27 -14.22 -4.00
N THR D 40 16.96 -13.32 -3.07
CA THR D 40 15.81 -13.47 -2.20
C THR D 40 14.51 -13.21 -2.94
N ASP D 41 14.55 -12.28 -3.88
CA ASP D 41 13.36 -11.93 -4.66
C ASP D 41 13.02 -13.07 -5.60
N ARG D 42 14.04 -13.84 -5.97
CA ARG D 42 13.85 -14.98 -6.86
C ARG D 42 13.20 -16.14 -6.10
N CYS D 43 13.43 -16.22 -4.80
CA CYS D 43 12.84 -17.25 -3.98
C CYS D 43 11.34 -17.07 -4.02
N CYS D 44 10.93 -15.80 -4.06
CA CYS D 44 9.53 -15.41 -4.12
C CYS D 44 8.96 -15.66 -5.50
N PHE D 45 9.78 -15.44 -6.51
CA PHE D 45 9.38 -15.66 -7.89
C PHE D 45 9.02 -17.15 -8.04
N VAL D 46 9.89 -18.01 -7.53
CA VAL D 46 9.69 -19.46 -7.61
C VAL D 46 8.46 -19.87 -6.80
N HIS D 47 8.37 -19.35 -5.59
CA HIS D 47 7.25 -19.69 -4.73
C HIS D 47 5.96 -19.35 -5.46
N ASP D 48 5.99 -18.29 -6.28
CA ASP D 48 4.82 -17.87 -7.04
C ASP D 48 4.51 -18.83 -8.17
N CYS D 49 5.56 -19.31 -8.84
CA CYS D 49 5.40 -20.26 -9.92
C CYS D 49 4.86 -21.55 -9.36
N CYS D 50 5.24 -21.85 -8.12
CA CYS D 50 4.78 -23.07 -7.45
C CYS D 50 3.27 -23.04 -7.24
N TYR D 51 2.80 -21.97 -6.61
CA TYR D 51 1.38 -21.80 -6.32
C TYR D 51 0.56 -21.81 -7.61
N GLU D 52 1.23 -21.52 -8.72
CA GLU D 52 0.56 -21.50 -10.02
C GLU D 52 0.21 -22.92 -10.49
N LYS D 53 0.96 -23.91 -10.03
CA LYS D 53 0.73 -25.30 -10.40
C LYS D 53 -0.40 -25.95 -9.60
N VAL D 54 -0.53 -25.55 -8.33
CA VAL D 54 -1.58 -26.11 -7.47
C VAL D 54 -2.93 -25.84 -8.12
N THR D 55 -3.65 -26.92 -8.40
CA THR D 55 -4.95 -26.83 -9.05
C THR D 55 -6.17 -27.11 -8.18
N GLY D 56 -6.16 -28.27 -7.54
CA GLY D 56 -7.29 -28.67 -6.71
C GLY D 56 -7.64 -27.97 -5.41
N CYS D 57 -6.79 -27.06 -4.92
CA CYS D 57 -7.08 -26.36 -3.66
C CYS D 57 -6.57 -24.92 -3.62
N ASP D 58 -6.82 -24.25 -2.49
CA ASP D 58 -6.41 -22.86 -2.31
C ASP D 58 -5.10 -22.78 -1.52
N PRO D 59 -3.97 -22.57 -2.21
CA PRO D 59 -2.66 -22.48 -1.54
C PRO D 59 -2.53 -21.29 -0.57
N LYS D 60 -3.39 -20.29 -0.75
CA LYS D 60 -3.33 -19.11 0.09
C LYS D 60 -4.08 -19.24 1.39
N TRP D 61 -5.32 -19.72 1.31
CA TRP D 61 -6.16 -19.84 2.50
C TRP D 61 -6.47 -21.24 3.01
N ASP D 62 -5.94 -22.26 2.34
CA ASP D 62 -6.17 -23.63 2.78
C ASP D 62 -5.09 -24.06 3.76
N ASP D 63 -5.54 -24.56 4.91
CA ASP D 63 -4.63 -25.02 5.95
C ASP D 63 -4.07 -26.38 5.55
N TYR D 64 -2.77 -26.56 5.66
CA TYR D 64 -2.19 -27.85 5.35
C TYR D 64 -1.63 -28.38 6.65
N THR D 65 -1.09 -29.58 6.61
CA THR D 65 -0.50 -30.18 7.81
C THR D 65 0.99 -30.46 7.55
N TYR D 66 1.81 -30.02 8.48
CA TYR D 66 3.25 -30.20 8.37
C TYR D 66 3.80 -30.31 9.79
N SER D 67 5.07 -30.68 9.93
CA SER D 67 5.68 -30.83 11.25
C SER D 67 7.13 -30.41 11.22
N TRP D 68 7.58 -29.79 12.31
CA TRP D 68 8.96 -29.34 12.42
C TRP D 68 9.85 -30.45 12.90
N LYS D 69 9.49 -31.68 12.55
CA LYS D 69 10.24 -32.85 12.95
C LYS D 69 11.71 -32.80 12.51
N ASN D 70 12.60 -32.66 13.49
CA ASN D 70 14.05 -32.60 13.28
C ASN D 70 14.60 -31.30 12.70
N GLY D 71 14.15 -30.17 13.23
CA GLY D 71 14.60 -28.88 12.73
C GLY D 71 14.27 -28.66 11.27
N THR D 72 13.47 -29.55 10.71
CA THR D 72 13.07 -29.46 9.32
C THR D 72 11.58 -29.57 9.20
N ILE D 73 11.05 -28.86 8.22
CA ILE D 73 9.62 -28.89 7.99
C ILE D 73 9.28 -30.22 7.32
N VAL D 74 8.28 -30.90 7.86
CA VAL D 74 7.86 -32.17 7.32
C VAL D 74 6.42 -32.06 6.88
N CYS D 75 6.21 -31.93 5.57
CA CYS D 75 4.85 -31.81 5.03
C CYS D 75 4.14 -33.16 5.06
N GLY D 76 2.92 -33.18 5.56
CA GLY D 76 2.18 -34.43 5.62
C GLY D 76 0.76 -34.32 5.12
N GLY D 77 -0.08 -35.23 5.60
CA GLY D 77 -1.47 -35.23 5.21
C GLY D 77 -1.78 -36.23 4.12
N ASP D 78 -3.07 -36.51 3.91
CA ASP D 78 -3.49 -37.45 2.90
C ASP D 78 -3.88 -36.73 1.61
N ASP D 79 -3.99 -35.41 1.69
CA ASP D 79 -4.35 -34.60 0.53
C ASP D 79 -3.06 -34.20 -0.18
N PRO D 80 -2.92 -34.55 -1.45
CA PRO D 80 -1.75 -34.23 -2.27
C PRO D 80 -1.73 -32.77 -2.70
N CYS D 81 -2.91 -32.19 -2.91
CA CYS D 81 -2.98 -30.80 -3.31
C CYS D 81 -2.41 -29.94 -2.20
N LYS D 82 -2.87 -30.19 -0.98
CA LYS D 82 -2.43 -29.44 0.18
C LYS D 82 -0.97 -29.72 0.47
N LYS D 83 -0.57 -30.97 0.32
CA LYS D 83 0.82 -31.36 0.55
C LYS D 83 1.67 -30.61 -0.46
N GLU D 84 1.11 -30.43 -1.66
CA GLU D 84 1.77 -29.73 -2.74
C GLU D 84 2.07 -28.30 -2.34
N VAL D 85 1.06 -27.58 -1.87
CA VAL D 85 1.28 -26.20 -1.47
C VAL D 85 2.22 -26.13 -0.28
N CYS D 86 2.18 -27.14 0.59
CA CYS D 86 3.04 -27.17 1.76
C CYS D 86 4.50 -27.27 1.31
N GLU D 87 4.73 -28.03 0.25
CA GLU D 87 6.08 -28.20 -0.27
C GLU D 87 6.56 -26.88 -0.89
N CYS D 88 5.61 -26.08 -1.37
CA CYS D 88 5.93 -24.79 -1.97
C CYS D 88 6.47 -23.91 -0.88
N ASP D 89 5.68 -23.81 0.19
CA ASP D 89 6.04 -23.00 1.36
C ASP D 89 7.36 -23.46 1.99
N LYS D 90 7.53 -24.76 2.13
CA LYS D 90 8.73 -25.33 2.72
C LYS D 90 9.99 -24.98 1.94
N ALA D 91 9.88 -25.01 0.61
CA ALA D 91 11.00 -24.71 -0.25
C ALA D 91 11.41 -23.23 -0.18
N ALA D 92 10.41 -22.34 -0.09
CA ALA D 92 10.64 -20.91 -0.03
C ALA D 92 11.36 -20.50 1.23
N ALA D 93 10.88 -21.01 2.35
CA ALA D 93 11.47 -20.71 3.65
C ALA D 93 12.94 -21.14 3.66
N ILE D 94 13.19 -22.29 3.05
CA ILE D 94 14.55 -22.81 2.96
C ILE D 94 15.36 -21.85 2.09
N CYS D 95 14.78 -21.49 0.96
CA CYS D 95 15.41 -20.56 0.02
C CYS D 95 15.80 -19.24 0.69
N PHE D 96 14.88 -18.70 1.51
CA PHE D 96 15.11 -17.44 2.20
C PHE D 96 16.31 -17.61 3.13
N ARG D 97 16.36 -18.75 3.80
CA ARG D 97 17.43 -19.05 4.73
C ARG D 97 18.80 -19.11 4.07
N ASP D 98 18.89 -19.80 2.93
CA ASP D 98 20.13 -19.95 2.19
C ASP D 98 20.65 -18.66 1.55
N ASN D 99 19.76 -17.69 1.33
CA ASN D 99 20.16 -16.44 0.72
C ASN D 99 20.16 -15.25 1.67
N LEU D 100 19.92 -15.53 2.95
CA LEU D 100 19.90 -14.50 3.98
C LEU D 100 21.09 -13.56 3.93
N LYS D 101 22.24 -14.08 3.49
CA LYS D 101 23.47 -13.31 3.42
C LYS D 101 23.45 -12.19 2.40
N THR D 102 22.64 -12.36 1.37
CA THR D 102 22.54 -11.36 0.31
C THR D 102 21.26 -10.52 0.41
N TYR D 103 20.64 -10.53 1.59
CA TYR D 103 19.40 -9.80 1.82
C TYR D 103 19.73 -8.31 1.94
N LYS D 104 19.12 -7.49 1.09
CA LYS D 104 19.36 -6.04 1.12
C LYS D 104 18.13 -5.37 1.70
N LYS D 105 18.34 -4.53 2.71
CA LYS D 105 17.26 -3.83 3.38
C LYS D 105 16.56 -2.80 2.49
N ARG D 106 17.23 -2.43 1.40
CA ARG D 106 16.67 -1.47 0.47
C ARG D 106 15.55 -2.05 -0.40
N TYR D 107 15.47 -3.38 -0.46
CA TYR D 107 14.46 -4.04 -1.26
C TYR D 107 13.17 -4.35 -0.51
N MET D 108 13.20 -4.33 0.82
CA MET D 108 11.96 -4.57 1.56
C MET D 108 11.23 -3.29 1.28
N ALA D 109 9.91 -3.32 1.23
CA ALA D 109 9.17 -2.09 0.94
C ALA D 109 9.54 -1.49 -0.44
N TYR D 110 9.88 -2.34 -1.40
CA TYR D 110 10.25 -1.90 -2.74
C TYR D 110 9.04 -1.54 -3.60
N PRO D 111 9.09 -0.36 -4.24
CA PRO D 111 8.03 0.17 -5.12
C PRO D 111 7.90 -0.64 -6.39
N ASP D 112 6.67 -1.00 -6.72
CA ASP D 112 6.38 -1.79 -7.90
C ASP D 112 6.57 -1.05 -9.21
N ILE D 113 6.28 0.26 -9.24
CA ILE D 113 6.46 1.03 -10.47
C ILE D 113 7.91 0.93 -10.94
N LEU D 114 8.80 0.62 -10.01
CA LEU D 114 10.20 0.51 -10.35
C LEU D 114 10.53 -0.86 -10.90
N CYS D 115 9.56 -1.78 -10.91
CA CYS D 115 9.83 -3.12 -11.42
C CYS D 115 9.75 -3.17 -12.95
N SER D 116 10.52 -4.09 -13.53
CA SER D 116 10.59 -4.30 -14.98
C SER D 116 9.20 -4.40 -15.62
N SER D 117 9.11 -3.99 -16.88
CA SER D 117 7.84 -4.05 -17.61
C SER D 117 7.75 -5.42 -18.26
N LYS D 118 8.91 -6.07 -18.41
CA LYS D 118 8.99 -7.39 -18.99
C LYS D 118 9.18 -8.42 -17.89
N SER D 119 8.10 -9.10 -17.54
CA SER D 119 8.14 -10.11 -16.51
C SER D 119 8.81 -11.38 -17.01
N GLU D 120 9.51 -12.04 -16.10
CA GLU D 120 10.20 -13.28 -16.43
C GLU D 120 9.21 -14.43 -16.51
N LYS D 121 9.58 -15.45 -17.28
CA LYS D 121 8.72 -16.61 -17.46
C LYS D 121 8.99 -17.72 -16.45
N CYS D 122 7.92 -18.25 -15.88
CA CYS D 122 8.01 -19.33 -14.91
C CYS D 122 8.77 -20.51 -15.49
C1 BOG E . 1.01 4.20 -9.08
O1 BOG E . 1.23 5.00 -10.19
C2 BOG E . 1.08 2.70 -9.47
O2 BOG E . 0.02 2.38 -10.35
C3 BOG E . 1.01 1.81 -8.22
O3 BOG E . 1.18 0.44 -8.57
C4 BOG E . 2.08 2.24 -7.21
O4 BOG E . 1.98 1.47 -6.03
C5 BOG E . 1.90 3.72 -6.90
O5 BOG E . 2.03 4.52 -8.10
C6 BOG E . 2.89 4.26 -5.86
O6 BOG E . 4.11 4.69 -6.46
C1' BOG E . 0.84 6.40 -10.09
C2' BOG E . 0.57 6.96 -11.50
C3' BOG E . -0.83 6.57 -11.96
C4' BOG E . -0.90 6.37 -13.47
C5' BOG E . -2.25 5.80 -13.89
C6' BOG E . -2.40 4.33 -13.54
C7' BOG E . -3.84 3.89 -13.79
C8' BOG E . -3.94 2.38 -14.03
CD CD F . -1.74 -1.20 -16.44
CD CD G . -4.48 -3.73 -6.62
C1 BOG H . -5.75 -5.87 12.05
O1 BOG H . -5.22 -7.10 12.40
C2 BOG H . -7.01 -5.61 12.89
O2 BOG H . -8.02 -6.51 12.50
C3 BOG H . -7.49 -4.16 12.71
O3 BOG H . -8.58 -3.91 13.59
C4 BOG H . -6.35 -3.18 13.00
O4 BOG H . -6.79 -1.84 12.81
C5 BOG H . -5.19 -3.51 12.06
O5 BOG H . -4.74 -4.87 12.31
C6 BOG H . -3.98 -2.59 12.17
O6 BOG H . -3.24 -2.80 13.36
C1' BOG H . -4.86 -8.01 11.35
C2' BOG H . -3.33 -8.17 11.32
C3' BOG H . -2.94 -9.32 10.39
C4' BOG H . -1.53 -9.06 9.82
C5' BOG H . -1.46 -9.53 8.36
C6' BOG H . -0.61 -8.58 7.52
C7' BOG H . -1.28 -7.20 7.38
C8' BOG H . -0.46 -6.27 6.48
CD CD I . -4.74 -0.01 15.18
CD CD J . 1.65 17.08 3.46
CD CD K . 4.74 -16.04 -2.60
CD CD L . 6.41 -5.69 -4.00
#